data_8VDF
#
_entry.id   8VDF
#
_cell.length_a   1.00
_cell.length_b   1.00
_cell.length_c   1.00
_cell.angle_alpha   90.00
_cell.angle_beta   90.00
_cell.angle_gamma   90.00
#
_symmetry.space_group_name_H-M   'P 1'
#
loop_
_entity.id
_entity.type
_entity.pdbx_description
1 polymer 'Erythrocyte membrane protein 1'
2 polymer 'C7 Fab heavy chain'
3 polymer 'C7 Fab lamda chain'
#
loop_
_entity_poly.entity_id
_entity_poly.type
_entity_poly.pdbx_seq_one_letter_code
_entity_poly.pdbx_strand_id
1 'polypeptide(L)'
;MGSQSSKPSKPSVDTNESYKSARNVLERYAESIKQQAENDASGYEKELKGKLEEASFCGAYCELIGVPKYGSTDPCYLDH
RWHTNLLHEKVKDRDPCHNRNQKRFDEGRVYECGSGIIKGNGNNRNGGSCAPPRRRHMCDKNLEALTVANTKNSNDLLGN
ILVTAKYEGDSIVNSYANSGMFNVCTALARSFADIGDIIRGKDLYLGNGDYKEKVSNNLRAIFNKIYENLNDPNVKAHYQ
KDAPNYYKLREHWWTVNRDQVWKAITCNAPTGADYFRKGSDGTNVFTSQGQCGHYEGAPPTNLDYVPQFLRWFEEWAEEF
CRKKKIKLGNVKKACRDESSKLYCSHNGYDCTQTIRNKDICIRESKCTDCSTKCKLYELWLEKQENEFKKQTKKYDKEIN
GNNSLQNNKNNGIDKKYHNEFYKNFREKGYTSLDKFLKLLNEGMYCKNQKPEEEDIDFTKNGDKGIFYRSEYCQVCPYCG
LDCGGKTCTAKQEIYPDCVYNGAYEPPNGAETTEITVLYSADQEGDISNKLSEFCNDENNKNSQKWQCYYVSSENNGCKM
EKKNANHTPEVKITKFHNFFEMWVTYLLTETITWKDKLKTCMNNTKTADCIHECNKNCVCFDKWVKQKEDEWNSIKKLFT
KEKKMPKQYYGNINIYFESFFFHVMKKLNKEAKWNKLMDELRNKIELSKGNEGTKDLQDAIELLLEYLKEKSTICKDNNT
NEACDPTVDPTKNPCGKNTKAGSDKVISVKQIAQYYKRLAHEQLEERGSRSALKGDASKGTYRRQGNPRKLKKVCRIAKD
HSNRNHKDSRGRHLCTSYLEFLQTIDDSHNSSNAKRVNNSFLGDVLLSAKLDAAEIIKRYKDQNNIRENIEQKDEEAMCR
AVRYSFADLGDIIRGKDLWDHKDFKKLERDLVKIFGKIKDELKSKLGDKYIGDEAKSPYKQLRSDWWEANRHQVWKAMQC
KTTTKPFSLNIKCGDTSITPLVDYIPQRLRWMTEWAEWYCKEQSRLYGELVEKCNTCGSSNGIVTTEDCKKKCMQCKQKC
EAYKSFIEKWKKQWDEQEKKYQELYRKATQNGSDGSKVTADKDADVVDFLSKLRNKNDTNNLFESAAAYVHDTGNLDDCN
AQNIFCEKNCDGKVNDKYVFRKYPYDHAKACNC
;
A
2 'polypeptide(L)'
;EVQLVESGGGLAQPGGSLRLSCAASGFTFRDHGMTWVRQVSGKGLEWLSYITAGSKMSYYSDSVRGRFTISRDNAKNSLY
LQMNGLTDEDSAIYYCVKGGGNCPSDTCYPSGYFGLDVWGQGTTVTVSSASTKGPSVFPLAPSSKSTSGGTAALGCLVKD
YFPEPVTVSWNSGALTSGVHTFPAVLQSSGLYSLSSVVTVPSSSLGTQTYICNVNHKPSNTKVDKKV
;
H
3 'polypeptide(L)'
;QSELTQPPSMSVSPGQTAMITCSMNKYSYISWYQQRPGQSPALVIYQDTRRPSGIPERFSGSNSENTAILTITGTRDLDE
ADYFCQGWDSNVKAVLFGGGTKLTVLGQPKAAPSVTLFPPSSEELQANKATLVCLISDFYPGAVTVAWKADSSPVKAGVE
TTTPSKQSNNKYAASSYLSLTPEQWKSHRSYSCQVTHEGSTVEKTVAPTECS
;
L
#
# COMPACT_ATOMS: atom_id res chain seq x y z
N HIS A 577 -3.92 14.39 19.93
CA HIS A 577 -4.23 13.00 20.21
C HIS A 577 -3.06 12.07 19.90
N ASN A 578 -1.83 12.59 20.05
CA ASN A 578 -0.65 11.79 19.76
C ASN A 578 -0.47 10.67 20.78
N PHE A 579 -0.75 10.96 22.05
CA PHE A 579 -0.77 9.93 23.08
C PHE A 579 -1.85 8.89 22.80
N PHE A 580 -3.01 9.34 22.33
CA PHE A 580 -4.10 8.45 21.95
C PHE A 580 -3.70 7.58 20.76
N GLU A 581 -3.01 8.16 19.77
CA GLU A 581 -2.59 7.41 18.59
C GLU A 581 -1.52 6.38 18.94
N MET A 582 -0.55 6.74 19.78
CA MET A 582 0.47 5.76 20.16
C MET A 582 -0.10 4.71 21.10
N TRP A 583 -1.16 5.04 21.85
CA TRP A 583 -1.82 4.02 22.66
C TRP A 583 -2.55 3.01 21.78
N VAL A 584 -3.23 3.47 20.73
CA VAL A 584 -3.89 2.55 19.80
C VAL A 584 -2.86 1.71 19.05
N THR A 585 -1.71 2.32 18.71
CA THR A 585 -0.62 1.59 18.06
C THR A 585 -0.06 0.49 18.95
N TYR A 586 0.22 0.81 20.22
CA TYR A 586 0.69 -0.21 21.15
C TYR A 586 -0.38 -1.25 21.46
N LEU A 587 -1.66 -0.85 21.46
CA LEU A 587 -2.75 -1.80 21.69
C LEU A 587 -2.82 -2.83 20.58
N LEU A 588 -2.77 -2.39 19.31
CA LEU A 588 -2.82 -3.33 18.19
C LEU A 588 -1.56 -4.16 18.11
N THR A 589 -0.39 -3.57 18.38
CA THR A 589 0.87 -4.31 18.35
C THR A 589 0.91 -5.39 19.42
N GLU A 590 0.49 -5.05 20.64
CA GLU A 590 0.49 -6.05 21.71
C GLU A 590 -0.65 -7.05 21.53
N THR A 591 -1.75 -6.66 20.89
CA THR A 591 -2.80 -7.62 20.56
C THR A 591 -2.30 -8.67 19.56
N ILE A 592 -1.56 -8.24 18.55
CA ILE A 592 -1.03 -9.18 17.56
C ILE A 592 0.06 -10.06 18.17
N THR A 593 0.96 -9.48 18.97
CA THR A 593 2.02 -10.32 19.53
C THR A 593 1.56 -11.15 20.72
N TRP A 594 0.38 -10.88 21.29
CA TRP A 594 -0.24 -11.81 22.22
C TRP A 594 -1.07 -12.86 21.53
N LYS A 595 -1.59 -12.54 20.33
CA LYS A 595 -2.16 -13.58 19.47
C LYS A 595 -1.11 -14.59 19.07
N ASP A 596 0.11 -14.12 18.77
CA ASP A 596 1.20 -15.02 18.42
C ASP A 596 1.66 -15.86 19.62
N LYS A 597 1.71 -15.26 20.81
CA LYS A 597 2.18 -16.00 21.98
C LYS A 597 1.16 -17.01 22.47
N LEU A 598 -0.13 -16.74 22.32
CA LEU A 598 -1.17 -17.67 22.75
C LEU A 598 -1.49 -18.74 21.71
N LYS A 599 -0.76 -18.76 20.58
CA LYS A 599 -0.97 -19.80 19.58
C LYS A 599 -0.56 -21.18 20.08
N THR A 600 0.42 -21.25 20.98
CA THR A 600 0.80 -22.53 21.58
C THR A 600 -0.26 -23.01 22.56
N CYS A 601 -0.87 -22.07 23.31
CA CYS A 601 -1.90 -22.46 24.27
C CYS A 601 -3.21 -22.79 23.58
N MET A 602 -3.53 -22.11 22.48
CA MET A 602 -4.81 -22.33 21.81
C MET A 602 -4.84 -23.64 21.04
N ASN A 603 -3.72 -24.09 20.50
CA ASN A 603 -3.65 -25.28 19.67
C ASN A 603 -3.43 -26.56 20.47
N ASN A 604 -3.73 -26.54 21.78
CA ASN A 604 -3.62 -27.67 22.70
C ASN A 604 -2.22 -28.30 22.74
N GLU A 613 1.46 -26.34 30.20
CA GLU A 613 2.56 -25.74 30.94
C GLU A 613 2.62 -24.24 30.72
N CYS A 614 1.74 -23.74 29.84
CA CYS A 614 1.71 -22.32 29.51
C CYS A 614 0.72 -21.54 30.36
N ASN A 615 0.37 -22.05 31.55
CA ASN A 615 -0.52 -21.35 32.48
C ASN A 615 0.07 -20.06 33.03
N LYS A 616 1.40 -19.93 33.05
CA LYS A 616 2.02 -18.66 33.39
C LYS A 616 1.69 -17.59 32.35
N ASN A 617 1.67 -17.96 31.07
CA ASN A 617 1.29 -17.01 30.03
C ASN A 617 -0.20 -16.70 30.07
N CYS A 618 -1.02 -17.63 30.57
CA CYS A 618 -2.46 -17.41 30.61
C CYS A 618 -2.83 -16.38 31.67
N VAL A 619 -2.26 -16.50 32.87
CA VAL A 619 -2.53 -15.51 33.91
C VAL A 619 -1.88 -14.17 33.58
N CYS A 620 -0.76 -14.19 32.86
CA CYS A 620 -0.14 -12.94 32.41
C CYS A 620 -1.01 -12.26 31.36
N PHE A 621 -1.61 -13.03 30.46
CA PHE A 621 -2.54 -12.47 29.48
C PHE A 621 -3.81 -11.96 30.14
N ASP A 622 -4.28 -12.64 31.19
CA ASP A 622 -5.44 -12.15 31.94
C ASP A 622 -5.13 -10.84 32.66
N LYS A 623 -3.94 -10.73 33.26
CA LYS A 623 -3.51 -9.48 33.87
C LYS A 623 -3.34 -8.38 32.83
N TRP A 624 -2.85 -8.76 31.63
CA TRP A 624 -2.69 -7.80 30.54
C TRP A 624 -4.04 -7.27 30.05
N VAL A 625 -5.03 -8.14 29.89
CA VAL A 625 -6.32 -7.67 29.38
C VAL A 625 -7.08 -6.90 30.46
N LYS A 626 -6.90 -7.23 31.74
CA LYS A 626 -7.45 -6.40 32.80
C LYS A 626 -6.77 -5.04 32.87
N GLN A 627 -5.44 -5.00 32.64
CA GLN A 627 -4.72 -3.74 32.60
C GLN A 627 -5.17 -2.87 31.41
N LYS A 628 -5.42 -3.50 30.26
CA LYS A 628 -5.91 -2.75 29.11
C LYS A 628 -7.34 -2.26 29.31
N GLU A 629 -8.18 -3.04 30.00
CA GLU A 629 -9.51 -2.56 30.38
C GLU A 629 -9.43 -1.36 31.31
N ASP A 630 -8.54 -1.43 32.31
CA ASP A 630 -8.36 -0.32 33.24
C ASP A 630 -7.80 0.92 32.54
N GLU A 631 -6.90 0.73 31.58
CA GLU A 631 -6.30 1.86 30.90
C GLU A 631 -7.27 2.50 29.90
N TRP A 632 -8.09 1.67 29.25
CA TRP A 632 -9.18 2.18 28.40
C TRP A 632 -10.20 2.95 29.22
N ASN A 633 -10.52 2.46 30.43
CA ASN A 633 -11.39 3.22 31.32
C ASN A 633 -10.71 4.49 31.82
N SER A 634 -9.38 4.49 31.92
CA SER A 634 -8.65 5.69 32.29
C SER A 634 -8.71 6.75 31.19
N ILE A 635 -8.69 6.32 29.92
CA ILE A 635 -8.90 7.27 28.82
C ILE A 635 -10.35 7.72 28.79
N LYS A 636 -11.29 6.78 28.69
CA LYS A 636 -12.69 7.12 28.55
C LYS A 636 -13.35 7.29 29.91
N GLY A 651 -18.00 4.75 15.37
CA GLY A 651 -16.83 4.38 14.59
C GLY A 651 -16.98 3.05 13.89
N ASN A 652 -15.96 2.68 13.13
CA ASN A 652 -15.96 1.42 12.37
C ASN A 652 -14.50 1.05 12.14
N ILE A 653 -14.28 -0.14 11.58
CA ILE A 653 -12.92 -0.59 11.27
C ILE A 653 -12.30 0.27 10.19
N ASN A 654 -13.03 0.46 9.08
CA ASN A 654 -12.52 1.07 7.85
C ASN A 654 -12.22 2.57 7.98
N ILE A 655 -12.66 3.21 9.06
CA ILE A 655 -12.34 4.60 9.32
C ILE A 655 -11.30 4.74 10.43
N TYR A 656 -11.39 3.89 11.44
CA TYR A 656 -10.62 4.07 12.68
C TYR A 656 -9.47 3.08 12.83
N PHE A 657 -9.71 1.77 12.74
CA PHE A 657 -8.58 0.84 12.84
C PHE A 657 -7.67 0.85 11.62
N GLU A 658 -8.15 1.26 10.46
CA GLU A 658 -7.35 1.14 9.26
C GLU A 658 -6.41 2.33 9.06
N SER A 659 -6.44 3.32 9.95
CA SER A 659 -5.59 4.49 9.86
C SER A 659 -4.30 4.38 10.69
N PHE A 660 -4.17 3.37 11.53
CA PHE A 660 -2.93 3.10 12.26
C PHE A 660 -2.20 1.91 11.68
N PHE A 661 -2.25 1.78 10.35
CA PHE A 661 -1.58 0.67 9.69
C PHE A 661 -0.07 0.86 9.65
N PHE A 662 0.38 2.09 9.35
CA PHE A 662 1.80 2.32 9.12
C PHE A 662 2.64 2.18 10.39
N HIS A 663 2.16 2.71 11.52
CA HIS A 663 2.94 2.68 12.75
C HIS A 663 3.05 1.26 13.30
N VAL A 664 1.90 0.56 13.38
CA VAL A 664 1.86 -0.83 13.82
C VAL A 664 2.67 -1.72 12.88
N MET A 665 2.59 -1.45 11.59
CA MET A 665 3.35 -2.24 10.64
C MET A 665 4.84 -1.92 10.65
N LYS A 666 5.24 -0.74 11.13
CA LYS A 666 6.66 -0.51 11.37
C LYS A 666 7.12 -1.33 12.57
N LYS A 667 6.28 -1.45 13.60
CA LYS A 667 6.64 -2.30 14.73
C LYS A 667 6.67 -3.79 14.36
N LEU A 668 5.82 -4.23 13.43
CA LEU A 668 5.63 -5.66 13.21
C LEU A 668 6.15 -6.19 11.88
N ASN A 669 5.83 -5.51 10.76
CA ASN A 669 6.26 -5.87 9.40
C ASN A 669 5.75 -7.27 8.99
N LYS A 670 4.44 -7.47 9.10
CA LYS A 670 3.82 -8.67 8.52
C LYS A 670 2.35 -8.36 8.24
N GLU A 671 2.03 -8.06 6.98
CA GLU A 671 0.68 -7.64 6.59
C GLU A 671 -0.34 -8.77 6.71
N ALA A 672 0.12 -10.03 6.62
CA ALA A 672 -0.78 -11.17 6.74
C ALA A 672 -1.36 -11.28 8.14
N LYS A 673 -0.56 -10.96 9.17
CA LYS A 673 -1.07 -11.01 10.54
C LYS A 673 -2.11 -9.92 10.78
N TRP A 674 -1.89 -8.74 10.19
CA TRP A 674 -2.87 -7.65 10.23
C TRP A 674 -4.17 -8.07 9.55
N ASN A 675 -4.09 -8.75 8.41
CA ASN A 675 -5.32 -9.15 7.73
C ASN A 675 -6.00 -10.31 8.43
N LYS A 676 -5.25 -11.18 9.12
CA LYS A 676 -5.89 -12.21 9.94
C LYS A 676 -6.63 -11.59 11.12
N LEU A 677 -6.03 -10.56 11.74
CA LEU A 677 -6.71 -9.83 12.81
C LEU A 677 -7.98 -9.15 12.30
N MET A 678 -7.90 -8.52 11.13
CA MET A 678 -9.06 -7.85 10.56
C MET A 678 -10.14 -8.84 10.13
N ASP A 679 -9.75 -10.00 9.60
CA ASP A 679 -10.72 -11.00 9.19
C ASP A 679 -11.39 -11.64 10.40
N GLU A 680 -10.66 -11.81 11.49
CA GLU A 680 -11.26 -12.34 12.72
C GLU A 680 -12.24 -11.34 13.33
N LEU A 681 -11.90 -10.04 13.31
CA LEU A 681 -12.84 -9.03 13.80
C LEU A 681 -14.03 -8.86 12.87
N ARG A 682 -13.85 -9.08 11.55
CA ARG A 682 -15.00 -9.01 10.65
C ARG A 682 -15.92 -10.21 10.82
N ASN A 683 -15.35 -11.40 11.04
CA ASN A 683 -16.17 -12.57 11.32
C ASN A 683 -16.78 -12.54 12.71
N LYS A 684 -16.22 -11.76 13.63
CA LYS A 684 -16.81 -11.61 14.95
C LYS A 684 -18.11 -10.82 14.89
N ILE A 685 -18.11 -9.69 14.20
CA ILE A 685 -19.29 -8.84 14.09
C ILE A 685 -20.09 -9.22 12.85
N ASP A 699 -17.93 2.37 19.02
CA ASP A 699 -16.63 2.35 18.36
C ASP A 699 -16.10 0.92 18.36
N ALA A 700 -15.13 0.64 17.48
CA ALA A 700 -14.58 -0.71 17.34
C ALA A 700 -13.59 -1.06 18.45
N ILE A 701 -13.23 -0.11 19.31
CA ILE A 701 -12.42 -0.41 20.49
C ILE A 701 -13.15 -1.39 21.40
N GLU A 702 -14.46 -1.19 21.58
CA GLU A 702 -15.27 -2.12 22.34
C GLU A 702 -15.32 -3.50 21.68
N LEU A 703 -15.33 -3.53 20.34
CA LEU A 703 -15.31 -4.81 19.61
C LEU A 703 -14.01 -5.55 19.84
N LEU A 704 -12.87 -4.84 19.75
CA LEU A 704 -11.57 -5.48 19.97
C LEU A 704 -11.41 -5.93 21.42
N LEU A 705 -11.91 -5.15 22.38
CA LEU A 705 -11.82 -5.55 23.77
C LEU A 705 -12.74 -6.73 24.07
N GLU A 706 -13.93 -6.78 23.42
CA GLU A 706 -14.81 -7.94 23.56
C GLU A 706 -14.16 -9.19 22.97
N TYR A 707 -13.42 -9.03 21.86
CA TYR A 707 -12.63 -10.13 21.32
C TYR A 707 -11.55 -10.58 22.30
N LEU A 708 -10.91 -9.64 22.98
CA LEU A 708 -9.90 -9.99 23.98
C LEU A 708 -10.51 -10.70 25.19
N LYS A 709 -11.72 -10.29 25.61
CA LYS A 709 -12.38 -11.01 26.70
C LYS A 709 -12.81 -12.41 26.28
N GLU A 710 -13.24 -12.58 25.03
CA GLU A 710 -13.67 -13.91 24.59
C GLU A 710 -12.47 -14.84 24.42
N LYS A 711 -11.34 -14.31 23.97
CA LYS A 711 -10.13 -15.14 23.91
C LYS A 711 -9.51 -15.36 25.28
N SER A 712 -9.76 -14.47 26.24
CA SER A 712 -9.16 -14.59 27.56
C SER A 712 -9.78 -15.73 28.36
N THR A 713 -11.09 -15.94 28.20
CA THR A 713 -11.77 -17.00 28.93
C THR A 713 -11.50 -18.38 28.36
N ILE A 714 -11.08 -18.47 27.10
CA ILE A 714 -10.78 -19.76 26.48
C ILE A 714 -9.28 -19.85 26.21
N GLN B 3 -3.22 18.58 -7.95
CA GLN B 3 -2.76 18.24 -9.29
C GLN B 3 -1.25 18.33 -9.40
N LEU B 4 -0.64 17.33 -10.01
CA LEU B 4 0.81 17.28 -10.19
C LEU B 4 1.20 17.88 -11.54
N VAL B 5 2.22 18.72 -11.52
CA VAL B 5 2.81 19.26 -12.74
C VAL B 5 4.27 18.79 -12.80
N GLU B 6 4.79 18.66 -14.01
CA GLU B 6 6.10 18.04 -14.23
C GLU B 6 6.96 18.87 -15.16
N SER B 7 8.27 18.77 -14.98
CA SER B 7 9.26 19.37 -15.86
C SER B 7 10.57 18.62 -15.70
N GLY B 8 11.45 18.77 -16.69
CA GLY B 8 12.79 18.22 -16.61
C GLY B 8 13.09 17.08 -17.57
N GLY B 9 12.09 16.50 -18.22
CA GLY B 9 12.31 15.41 -19.14
C GLY B 9 12.76 15.88 -20.51
N GLY B 10 13.38 14.97 -21.25
CA GLY B 10 13.86 15.29 -22.57
C GLY B 10 14.79 14.18 -23.08
N LEU B 11 15.93 14.61 -23.61
CA LEU B 11 16.89 13.73 -24.24
C LEU B 11 18.16 13.65 -23.40
N ALA B 12 18.74 12.45 -23.32
CA ALA B 12 19.97 12.25 -22.57
C ALA B 12 20.85 11.22 -23.26
N GLN B 13 22.10 11.59 -23.50
CA GLN B 13 23.12 10.64 -23.89
C GLN B 13 23.49 9.77 -22.69
N PRO B 14 24.09 8.59 -22.93
CA PRO B 14 24.59 7.79 -21.81
C PRO B 14 25.63 8.53 -20.97
N GLY B 15 25.48 8.39 -19.65
CA GLY B 15 26.14 9.26 -18.69
C GLY B 15 25.17 9.66 -17.61
N GLY B 16 25.36 10.83 -17.00
CA GLY B 16 24.49 11.27 -15.94
C GLY B 16 24.00 12.70 -16.17
N SER B 17 23.74 13.38 -15.05
CA SER B 17 23.34 14.79 -14.99
C SER B 17 22.06 15.08 -15.77
N LEU B 18 20.97 14.46 -15.31
CA LEU B 18 19.63 14.78 -15.81
C LEU B 18 18.69 14.72 -14.61
N ARG B 19 17.97 15.81 -14.36
CA ARG B 19 17.06 15.91 -13.22
C ARG B 19 15.66 16.22 -13.72
N LEU B 20 14.67 15.53 -13.15
CA LEU B 20 13.27 15.86 -13.36
C LEU B 20 12.74 16.59 -12.14
N SER B 21 11.60 17.26 -12.32
CA SER B 21 10.91 17.95 -11.24
C SER B 21 9.43 17.61 -11.25
N CYS B 22 8.81 17.62 -10.07
CA CYS B 22 7.37 17.43 -9.96
C CYS B 22 6.88 18.26 -8.78
N ALA B 23 6.03 19.25 -9.06
CA ALA B 23 5.46 20.12 -8.05
C ALA B 23 3.99 19.75 -7.82
N ALA B 24 3.63 19.64 -6.54
CA ALA B 24 2.25 19.30 -6.16
C ALA B 24 1.45 20.58 -5.96
N SER B 25 0.35 20.71 -6.70
CA SER B 25 -0.51 21.87 -6.63
C SER B 25 -1.87 21.47 -6.05
N GLY B 26 -2.28 22.15 -4.98
CA GLY B 26 -3.57 21.90 -4.38
C GLY B 26 -3.65 20.68 -3.48
N PHE B 27 -2.53 20.02 -3.21
CA PHE B 27 -2.50 18.82 -2.37
C PHE B 27 -1.77 19.12 -1.08
N THR B 28 -2.00 18.27 -0.08
CA THR B 28 -1.29 18.35 1.19
C THR B 28 0.01 17.56 1.06
N PHE B 29 1.02 18.25 0.53
CA PHE B 29 2.33 17.65 0.26
C PHE B 29 3.10 17.33 1.54
N ARG B 30 2.72 17.94 2.67
CA ARG B 30 3.50 17.80 3.89
C ARG B 30 3.31 16.43 4.54
N ASP B 31 2.10 15.89 4.51
CA ASP B 31 1.78 14.68 5.28
C ASP B 31 1.38 13.51 4.38
N HIS B 32 1.80 13.53 3.11
CA HIS B 32 1.59 12.41 2.22
C HIS B 32 2.93 11.94 1.67
N GLY B 33 3.00 10.65 1.33
CA GLY B 33 4.18 10.11 0.71
C GLY B 33 4.30 10.51 -0.74
N MET B 34 5.45 10.20 -1.33
CA MET B 34 5.74 10.60 -2.70
C MET B 34 6.55 9.51 -3.39
N THR B 35 6.23 9.24 -4.65
CA THR B 35 6.73 8.07 -5.36
C THR B 35 7.09 8.48 -6.79
N TRP B 36 8.11 7.85 -7.36
CA TRP B 36 8.31 7.88 -8.81
C TRP B 36 8.37 6.46 -9.36
N VAL B 37 7.61 6.22 -10.42
CA VAL B 37 7.59 4.95 -11.13
C VAL B 37 7.85 5.22 -12.60
N ARG B 38 8.81 4.50 -13.18
CA ARG B 38 9.02 4.59 -14.62
C ARG B 38 8.20 3.53 -15.33
N GLN B 39 7.98 3.75 -16.62
CA GLN B 39 7.30 2.75 -17.46
C GLN B 39 7.88 2.83 -18.86
N VAL B 40 8.51 1.74 -19.30
CA VAL B 40 8.94 1.63 -20.69
C VAL B 40 7.70 1.51 -21.56
N SER B 41 7.67 2.24 -22.67
CA SER B 41 6.52 2.23 -23.56
C SER B 41 6.39 0.87 -24.23
N GLY B 42 5.21 0.26 -24.09
CA GLY B 42 4.99 -1.11 -24.49
C GLY B 42 5.24 -2.14 -23.40
N LYS B 43 5.76 -1.72 -22.26
CA LYS B 43 6.02 -2.60 -21.13
C LYS B 43 5.22 -2.13 -19.92
N GLY B 44 5.49 -2.74 -18.77
CA GLY B 44 4.76 -2.46 -17.55
C GLY B 44 5.45 -1.45 -16.65
N LEU B 45 4.86 -1.24 -15.49
CA LEU B 45 5.39 -0.31 -14.50
C LEU B 45 6.57 -0.91 -13.77
N GLU B 46 7.47 -0.04 -13.29
CA GLU B 46 8.61 -0.46 -12.48
C GLU B 46 8.91 0.65 -11.47
N TRP B 47 8.68 0.34 -10.20
CA TRP B 47 8.95 1.30 -9.13
C TRP B 47 10.44 1.51 -8.94
N LEU B 48 10.83 2.77 -8.72
CA LEU B 48 12.23 3.13 -8.56
C LEU B 48 12.55 3.66 -7.18
N SER B 49 11.88 4.73 -6.73
CA SER B 49 12.25 5.38 -5.49
C SER B 49 11.00 5.81 -4.73
N TYR B 50 11.13 5.87 -3.41
CA TYR B 50 10.06 6.33 -2.53
C TYR B 50 10.66 7.22 -1.45
N ILE B 51 9.89 8.19 -0.99
CA ILE B 51 10.31 9.06 0.10
C ILE B 51 9.12 9.27 1.04
N THR B 52 9.38 9.32 2.34
CA THR B 52 8.35 9.44 3.35
C THR B 52 7.87 10.88 3.49
N ALA B 53 6.96 11.10 4.44
CA ALA B 53 6.46 12.45 4.70
C ALA B 53 7.52 13.33 5.33
N GLY B 54 8.27 12.81 6.29
CA GLY B 54 9.32 13.56 6.94
C GLY B 54 10.67 13.49 6.26
N SER B 55 10.77 12.74 5.15
CA SER B 55 11.96 12.58 4.32
C SER B 55 13.14 11.99 5.09
N LYS B 56 12.89 11.20 6.12
CA LYS B 56 13.96 10.56 6.88
C LYS B 56 14.18 9.11 6.50
N MET B 57 13.26 8.52 5.74
CA MET B 57 13.42 7.16 5.23
C MET B 57 13.14 7.16 3.73
N SER B 58 13.87 6.32 3.00
CA SER B 58 13.73 6.24 1.56
C SER B 58 14.06 4.83 1.10
N TYR B 59 13.25 4.32 0.18
CA TYR B 59 13.42 2.98 -0.35
C TYR B 59 13.73 3.05 -1.84
N TYR B 60 14.48 2.06 -2.32
CA TYR B 60 14.87 2.00 -3.73
C TYR B 60 14.76 0.56 -4.20
N SER B 61 14.78 0.39 -5.52
CA SER B 61 14.79 -0.93 -6.13
C SER B 61 16.20 -1.51 -6.09
N ASP B 62 16.34 -2.75 -6.55
CA ASP B 62 17.65 -3.39 -6.54
C ASP B 62 18.56 -2.88 -7.65
N SER B 63 18.00 -2.24 -8.68
CA SER B 63 18.80 -1.74 -9.79
C SER B 63 19.16 -0.27 -9.65
N VAL B 64 18.40 0.49 -8.86
CA VAL B 64 18.56 1.94 -8.79
C VAL B 64 19.00 2.40 -7.40
N ARG B 65 19.37 1.48 -6.51
CA ARG B 65 19.78 1.84 -5.16
C ARG B 65 21.20 2.40 -5.20
N GLY B 66 21.38 3.62 -4.71
CA GLY B 66 22.65 4.31 -4.75
C GLY B 66 22.93 5.05 -6.05
N ARG B 67 22.45 4.49 -7.17
CA ARG B 67 22.67 5.11 -8.47
C ARG B 67 21.78 6.33 -8.65
N PHE B 68 20.56 6.27 -8.14
CA PHE B 68 19.64 7.42 -8.17
C PHE B 68 19.54 8.01 -6.76
N THR B 69 19.05 9.24 -6.70
CA THR B 69 18.80 9.90 -5.42
C THR B 69 17.54 10.76 -5.54
N ILE B 70 16.95 11.09 -4.39
CA ILE B 70 15.68 11.80 -4.32
C ILE B 70 15.61 12.57 -3.01
N SER B 71 15.08 13.80 -3.07
CA SER B 71 14.86 14.62 -1.88
C SER B 71 13.74 15.62 -2.18
N ARG B 72 12.99 15.97 -1.12
CA ARG B 72 11.78 16.77 -1.26
C ARG B 72 11.92 18.09 -0.53
N ASP B 73 11.20 19.09 -1.05
CA ASP B 73 11.12 20.42 -0.44
C ASP B 73 9.67 20.60 -0.02
N ASN B 74 9.42 20.63 1.29
CA ASN B 74 8.05 20.74 1.79
C ASN B 74 7.50 22.17 1.73
N ALA B 75 8.34 23.16 1.43
CA ALA B 75 7.86 24.54 1.36
C ALA B 75 7.23 24.84 0.00
N LYS B 76 7.97 24.63 -1.08
CA LYS B 76 7.45 24.87 -2.42
C LYS B 76 6.66 23.68 -2.97
N ASN B 77 6.60 22.57 -2.22
CA ASN B 77 5.85 21.36 -2.57
C ASN B 77 6.33 20.76 -3.89
N SER B 78 7.64 20.76 -4.12
CA SER B 78 8.23 20.22 -5.32
C SER B 78 9.18 19.08 -4.98
N LEU B 79 9.07 17.98 -5.71
CA LEU B 79 9.93 16.81 -5.54
C LEU B 79 10.74 16.57 -6.80
N TYR B 80 12.05 16.43 -6.63
CA TYR B 80 12.97 16.21 -7.73
C TYR B 80 13.46 14.76 -7.74
N LEU B 81 13.81 14.28 -8.92
CA LEU B 81 14.49 13.00 -9.09
C LEU B 81 15.79 13.27 -9.85
N GLN B 82 16.90 12.81 -9.29
CA GLN B 82 18.22 13.02 -9.87
C GLN B 82 18.84 11.68 -10.23
N MET B 83 19.38 11.58 -11.44
CA MET B 83 19.96 10.33 -11.91
C MET B 83 21.45 10.51 -12.22
N ASN B 84 22.16 9.39 -12.21
CA ASN B 84 23.51 9.28 -12.75
C ASN B 84 23.63 7.94 -13.44
N GLY B 85 24.54 7.86 -14.40
CA GLY B 85 24.83 6.60 -15.09
C GLY B 85 23.69 6.06 -15.92
N LEU B 86 23.03 6.92 -16.71
CA LEU B 86 21.92 6.49 -17.53
C LEU B 86 22.40 5.62 -18.69
N THR B 87 21.62 4.59 -18.99
CA THR B 87 21.86 3.65 -20.09
C THR B 87 20.64 3.64 -21.00
N ASP B 88 20.63 2.69 -21.95
CA ASP B 88 19.53 2.59 -22.90
C ASP B 88 18.28 1.95 -22.32
N GLU B 89 18.38 1.25 -21.18
CA GLU B 89 17.21 0.64 -20.57
C GLU B 89 16.41 1.64 -19.74
N ASP B 90 16.97 2.83 -19.47
CA ASP B 90 16.30 3.85 -18.67
C ASP B 90 15.40 4.75 -19.49
N SER B 91 15.29 4.52 -20.80
CA SER B 91 14.41 5.31 -21.66
C SER B 91 12.97 4.90 -21.37
N ALA B 92 12.32 5.61 -20.46
CA ALA B 92 10.99 5.26 -20.00
C ALA B 92 10.22 6.54 -19.71
N ILE B 93 8.94 6.38 -19.40
CA ILE B 93 8.07 7.49 -19.00
C ILE B 93 8.04 7.52 -17.48
N TYR B 94 8.52 8.62 -16.89
CA TYR B 94 8.73 8.72 -15.45
C TYR B 94 7.57 9.48 -14.84
N TYR B 95 6.68 8.75 -14.15
CA TYR B 95 5.49 9.33 -13.53
C TYR B 95 5.81 9.68 -12.08
N CYS B 96 5.67 10.96 -11.72
CA CYS B 96 5.72 11.34 -10.32
C CYS B 96 4.37 11.00 -9.70
N VAL B 97 4.40 10.35 -8.53
CA VAL B 97 3.23 9.73 -7.94
C VAL B 97 3.10 10.19 -6.50
N LYS B 98 1.92 10.65 -6.11
CA LYS B 98 1.64 10.90 -4.70
C LYS B 98 1.44 9.57 -3.99
N GLY B 99 2.23 9.34 -2.95
CA GLY B 99 2.09 8.11 -2.18
C GLY B 99 0.81 8.14 -1.37
N GLY B 100 -0.01 7.09 -1.52
CA GLY B 100 -1.29 7.04 -0.87
C GLY B 100 -1.18 6.81 0.63
N GLY B 101 -2.23 7.19 1.33
CA GLY B 101 -2.30 7.01 2.77
C GLY B 101 -2.38 8.33 3.51
N ASN B 102 -1.98 8.26 4.78
CA ASN B 102 -2.01 9.42 5.65
C ASN B 102 -0.68 9.70 6.34
N CYS B 103 0.26 8.73 6.36
CA CYS B 103 1.60 8.83 6.94
C CYS B 103 1.64 9.33 8.39
N PRO B 104 1.32 8.49 9.37
CA PRO B 104 1.60 8.85 10.76
C PRO B 104 3.10 8.98 10.99
N SER B 105 3.53 10.20 11.30
CA SER B 105 4.94 10.65 11.40
C SER B 105 5.63 10.34 10.07
N ASP B 106 6.78 9.65 10.06
CA ASP B 106 7.53 9.40 8.84
C ASP B 106 7.59 7.91 8.51
N THR B 107 6.55 7.17 8.88
CA THR B 107 6.51 5.72 8.69
C THR B 107 5.84 5.34 7.38
N CYS B 108 6.29 5.93 6.28
CA CYS B 108 5.61 5.76 5.00
C CYS B 108 6.33 4.70 4.16
N TYR B 109 5.55 3.82 3.54
CA TYR B 109 6.09 2.83 2.61
C TYR B 109 5.04 2.46 1.58
N PRO B 110 5.42 2.32 0.30
CA PRO B 110 4.43 2.27 -0.80
C PRO B 110 3.78 0.89 -0.95
N SER B 111 2.93 0.55 0.02
CA SER B 111 2.24 -0.72 -0.03
C SER B 111 1.07 -0.67 -1.00
N GLY B 112 0.54 -1.84 -1.31
CA GLY B 112 -0.73 -1.93 -1.99
C GLY B 112 -1.92 -1.78 -1.08
N TYR B 113 -1.68 -1.64 0.22
CA TYR B 113 -2.71 -1.35 1.20
C TYR B 113 -3.34 0.01 0.92
N PHE B 114 -2.59 1.09 1.10
CA PHE B 114 -3.12 2.40 0.74
C PHE B 114 -2.96 2.71 -0.75
N GLY B 115 -2.12 1.95 -1.45
CA GLY B 115 -1.96 2.16 -2.87
C GLY B 115 -1.19 3.44 -3.20
N LEU B 116 -1.21 3.77 -4.48
CA LEU B 116 -0.58 4.97 -5.03
C LEU B 116 -1.67 5.71 -5.78
N ASP B 117 -2.34 6.64 -5.10
CA ASP B 117 -3.63 7.13 -5.54
C ASP B 117 -3.55 8.09 -6.73
N VAL B 118 -2.59 9.01 -6.72
CA VAL B 118 -2.53 10.07 -7.73
C VAL B 118 -1.25 9.91 -8.53
N TRP B 119 -1.40 9.74 -9.85
CA TRP B 119 -0.30 9.63 -10.79
C TRP B 119 -0.27 10.87 -11.67
N GLY B 120 0.88 11.50 -11.78
CA GLY B 120 1.02 12.64 -12.66
C GLY B 120 1.10 12.23 -14.12
N GLN B 121 1.08 13.23 -15.00
CA GLN B 121 1.19 12.97 -16.43
C GLN B 121 2.58 12.50 -16.82
N GLY B 122 3.61 13.05 -16.21
CA GLY B 122 4.98 12.65 -16.44
C GLY B 122 5.57 13.26 -17.70
N THR B 123 6.89 13.25 -17.76
CA THR B 123 7.64 13.72 -18.92
C THR B 123 8.48 12.59 -19.48
N THR B 124 8.70 12.63 -20.80
CA THR B 124 9.38 11.57 -21.52
C THR B 124 10.89 11.72 -21.34
N VAL B 125 11.54 10.64 -20.93
CA VAL B 125 13.00 10.58 -20.84
C VAL B 125 13.48 9.63 -21.93
N THR B 126 14.34 10.12 -22.81
CA THR B 126 14.84 9.33 -23.92
C THR B 126 16.19 8.71 -23.60
N PRO C 8 1.09 -12.20 -19.70
CA PRO C 8 -0.06 -12.94 -20.24
C PRO C 8 -1.23 -12.02 -20.57
N SER C 9 -2.32 -12.60 -21.08
CA SER C 9 -3.51 -11.84 -21.43
C SER C 9 -4.70 -12.78 -21.43
N MET C 10 -5.90 -12.19 -21.37
CA MET C 10 -7.15 -12.92 -21.47
C MET C 10 -8.11 -12.18 -22.39
N SER C 11 -8.49 -12.85 -23.48
CA SER C 11 -9.45 -12.30 -24.43
C SER C 11 -10.84 -12.53 -23.86
N VAL C 12 -11.43 -11.47 -23.30
CA VAL C 12 -12.70 -11.55 -22.60
C VAL C 12 -13.73 -10.72 -23.36
N SER C 13 -14.86 -11.33 -23.67
CA SER C 13 -15.95 -10.62 -24.33
C SER C 13 -16.57 -9.60 -23.39
N PRO C 14 -17.13 -8.50 -23.93
CA PRO C 14 -17.75 -7.49 -23.07
C PRO C 14 -18.99 -8.02 -22.34
N GLY C 15 -19.15 -7.58 -21.09
CA GLY C 15 -20.28 -7.96 -20.27
C GLY C 15 -20.07 -9.17 -19.40
N GLN C 16 -18.96 -9.89 -19.54
CA GLN C 16 -18.66 -11.07 -18.75
C GLN C 16 -17.56 -10.75 -17.74
N THR C 17 -17.26 -11.73 -16.90
CA THR C 17 -16.38 -11.56 -15.75
C THR C 17 -14.95 -11.97 -16.11
N ALA C 18 -14.00 -11.08 -15.83
CA ALA C 18 -12.58 -11.34 -16.05
C ALA C 18 -11.91 -11.72 -14.73
N MET C 19 -11.12 -12.80 -14.77
CA MET C 19 -10.45 -13.34 -13.60
C MET C 19 -8.94 -13.15 -13.76
N ILE C 20 -8.42 -12.03 -13.30
CA ILE C 20 -7.02 -11.69 -13.42
C ILE C 20 -6.31 -12.08 -12.13
N THR C 21 -5.36 -13.01 -12.23
CA THR C 21 -4.66 -13.55 -11.07
C THR C 21 -3.16 -13.30 -11.20
N CYS C 22 -2.54 -12.91 -10.09
CA CYS C 22 -1.09 -12.87 -9.96
C CYS C 22 -0.52 -14.08 -9.22
N SER C 23 -1.23 -14.54 -8.18
CA SER C 23 -0.94 -15.77 -7.44
C SER C 23 0.45 -15.76 -6.82
N MET C 24 0.81 -14.64 -6.21
CA MET C 24 2.06 -14.56 -5.48
C MET C 24 1.97 -15.36 -4.18
N ASN C 25 3.07 -16.03 -3.83
CA ASN C 25 3.03 -16.98 -2.71
C ASN C 25 2.94 -16.26 -1.36
N LYS C 26 3.61 -15.13 -1.20
CA LYS C 26 3.58 -14.38 0.05
C LYS C 26 2.41 -13.40 0.00
N TYR C 27 1.65 -13.35 1.09
CA TYR C 27 0.50 -12.46 1.14
C TYR C 27 0.92 -11.01 1.38
N SER C 28 0.41 -10.13 0.53
CA SER C 28 0.42 -8.69 0.76
C SER C 28 -0.87 -8.13 0.18
N TYR C 29 -1.24 -6.94 0.63
CA TYR C 29 -2.43 -6.26 0.12
C TYR C 29 -2.20 -5.85 -1.33
N ILE C 30 -3.08 -6.28 -2.23
CA ILE C 30 -2.88 -6.13 -3.67
C ILE C 30 -3.76 -5.01 -4.19
N SER C 31 -3.14 -4.01 -4.80
CA SER C 31 -3.86 -2.94 -5.48
C SER C 31 -3.84 -3.17 -6.99
N TRP C 32 -4.71 -2.44 -7.68
CA TRP C 32 -4.89 -2.58 -9.12
C TRP C 32 -5.00 -1.22 -9.78
N TYR C 33 -4.52 -1.12 -11.01
CA TYR C 33 -4.48 0.14 -11.74
C TYR C 33 -5.01 -0.06 -13.15
N GLN C 34 -5.89 0.83 -13.58
CA GLN C 34 -6.48 0.80 -14.92
C GLN C 34 -5.70 1.80 -15.77
N GLN C 35 -4.71 1.31 -16.51
CA GLN C 35 -3.88 2.16 -17.36
C GLN C 35 -4.53 2.27 -18.73
N ARG C 36 -5.19 3.40 -18.98
CA ARG C 36 -5.64 3.70 -20.32
C ARG C 36 -4.44 3.95 -21.23
N PRO C 37 -4.50 3.56 -22.51
CA PRO C 37 -3.33 3.71 -23.39
C PRO C 37 -3.03 5.16 -23.70
N GLY C 38 -1.77 5.54 -23.55
CA GLY C 38 -1.38 6.94 -23.63
C GLY C 38 -1.80 7.78 -22.44
N GLN C 39 -2.10 7.15 -21.30
CA GLN C 39 -2.62 7.85 -20.15
C GLN C 39 -1.99 7.23 -18.90
N SER C 40 -1.84 8.06 -17.86
CA SER C 40 -1.29 7.59 -16.60
C SER C 40 -2.26 6.63 -15.91
N PRO C 41 -1.74 5.66 -15.16
CA PRO C 41 -2.62 4.77 -14.39
C PRO C 41 -3.32 5.50 -13.26
N ALA C 42 -4.42 4.91 -12.81
CA ALA C 42 -5.19 5.46 -11.70
C ALA C 42 -5.51 4.36 -10.70
N LEU C 43 -5.64 4.74 -9.44
CA LEU C 43 -5.94 3.78 -8.38
C LEU C 43 -7.39 3.31 -8.51
N VAL C 44 -7.59 1.99 -8.38
CA VAL C 44 -8.91 1.41 -8.58
C VAL C 44 -9.37 0.73 -7.30
N ILE C 45 -8.62 -0.26 -6.83
CA ILE C 45 -8.94 -1.03 -5.63
C ILE C 45 -7.75 -0.97 -4.69
N TYR C 46 -7.99 -0.66 -3.42
CA TYR C 46 -6.94 -0.68 -2.42
C TYR C 46 -7.47 -1.37 -1.16
N GLN C 47 -6.54 -1.87 -0.34
CA GLN C 47 -6.78 -2.72 0.84
C GLN C 47 -7.55 -4.00 0.51
N ASP C 48 -7.50 -4.44 -0.75
CA ASP C 48 -8.06 -5.67 -1.32
C ASP C 48 -9.58 -5.68 -1.40
N THR C 49 -10.26 -4.72 -0.76
CA THR C 49 -11.73 -4.64 -0.83
C THR C 49 -12.21 -3.24 -1.14
N ARG C 50 -11.48 -2.22 -0.68
CA ARG C 50 -11.97 -0.86 -0.73
C ARG C 50 -11.76 -0.23 -2.11
N ARG C 51 -12.32 0.96 -2.27
CA ARG C 51 -12.44 1.63 -3.55
C ARG C 51 -12.71 3.11 -3.36
N PRO C 52 -11.95 4.00 -4.00
CA PRO C 52 -12.16 5.44 -3.83
C PRO C 52 -13.42 5.91 -4.54
N SER C 53 -13.84 7.12 -4.16
CA SER C 53 -14.97 7.75 -4.82
C SER C 53 -14.59 8.25 -6.20
N GLY C 54 -15.56 8.20 -7.12
CA GLY C 54 -15.35 8.60 -8.49
C GLY C 54 -15.26 7.46 -9.48
N ILE C 55 -15.10 6.23 -9.00
CA ILE C 55 -15.08 5.05 -9.86
C ILE C 55 -16.28 4.18 -9.45
N PRO C 56 -17.01 3.57 -10.41
CA PRO C 56 -18.21 2.81 -10.04
C PRO C 56 -17.94 1.52 -9.28
N GLU C 57 -19.03 0.89 -8.83
CA GLU C 57 -18.97 -0.27 -7.94
C GLU C 57 -18.49 -1.54 -8.64
N ARG C 58 -18.49 -1.54 -9.98
CA ARG C 58 -18.31 -2.77 -10.76
C ARG C 58 -16.89 -3.34 -10.68
N PHE C 59 -15.92 -2.59 -10.15
CA PHE C 59 -14.59 -3.14 -9.89
C PHE C 59 -14.58 -3.75 -8.49
N SER C 60 -14.37 -5.06 -8.42
CA SER C 60 -14.33 -5.79 -7.15
C SER C 60 -13.04 -6.60 -7.09
N GLY C 61 -12.54 -6.79 -5.88
CA GLY C 61 -11.30 -7.50 -5.72
C GLY C 61 -11.31 -8.31 -4.44
N SER C 62 -10.40 -9.28 -4.39
CA SER C 62 -10.19 -10.12 -3.23
C SER C 62 -8.81 -10.76 -3.34
N ASN C 63 -8.31 -11.25 -2.21
CA ASN C 63 -7.06 -12.02 -2.23
C ASN C 63 -7.24 -13.07 -1.13
N SER C 64 -7.59 -14.28 -1.56
CA SER C 64 -7.74 -15.40 -0.64
C SER C 64 -6.99 -16.59 -1.21
N GLU C 65 -6.47 -17.43 -0.29
CA GLU C 65 -5.71 -18.65 -0.61
C GLU C 65 -4.50 -18.36 -1.49
N ASN C 66 -3.81 -17.25 -1.18
CA ASN C 66 -2.61 -16.77 -1.88
C ASN C 66 -2.87 -16.55 -3.37
N THR C 67 -4.01 -15.94 -3.70
CA THR C 67 -4.35 -15.64 -5.08
C THR C 67 -5.17 -14.36 -5.11
N ALA C 68 -4.65 -13.33 -5.78
CA ALA C 68 -5.32 -12.04 -5.88
C ALA C 68 -6.18 -12.02 -7.14
N ILE C 69 -7.49 -11.88 -6.96
CA ILE C 69 -8.45 -11.90 -8.06
C ILE C 69 -9.12 -10.55 -8.14
N LEU C 70 -8.97 -9.87 -9.26
CA LEU C 70 -9.68 -8.62 -9.53
C LEU C 70 -10.92 -8.99 -10.34
N THR C 71 -12.06 -9.13 -9.67
CA THR C 71 -13.32 -9.47 -10.32
C THR C 71 -13.91 -8.21 -10.96
N ILE C 72 -13.79 -8.10 -12.28
CA ILE C 72 -14.46 -7.04 -13.03
C ILE C 72 -15.82 -7.60 -13.45
N THR C 73 -16.89 -7.06 -12.86
CA THR C 73 -18.25 -7.40 -13.25
C THR C 73 -18.74 -6.44 -14.32
N GLY C 74 -19.13 -6.98 -15.47
CA GLY C 74 -19.54 -6.14 -16.57
C GLY C 74 -18.40 -5.40 -17.21
N THR C 75 -17.53 -6.13 -17.91
CA THR C 75 -16.38 -5.51 -18.57
C THR C 75 -16.84 -4.67 -19.76
N ARG C 76 -16.36 -3.43 -19.81
CA ARG C 76 -16.74 -2.45 -20.83
C ARG C 76 -15.56 -2.25 -21.78
N ASP C 77 -15.82 -1.56 -22.89
CA ASP C 77 -14.77 -1.18 -23.84
C ASP C 77 -13.78 -0.22 -23.19
N LEU C 78 -14.23 0.57 -22.22
CA LEU C 78 -13.36 1.48 -21.47
C LEU C 78 -12.40 0.75 -20.52
N ASP C 79 -12.56 -0.56 -20.33
CA ASP C 79 -11.70 -1.34 -19.46
C ASP C 79 -10.50 -1.93 -20.17
N GLU C 80 -10.19 -1.47 -21.39
CA GLU C 80 -8.98 -1.91 -22.08
C GLU C 80 -7.77 -1.31 -21.37
N ALA C 81 -7.10 -2.11 -20.54
CA ALA C 81 -6.02 -1.61 -19.71
C ALA C 81 -5.13 -2.77 -19.31
N ASP C 82 -3.91 -2.43 -18.90
CA ASP C 82 -3.02 -3.37 -18.23
C ASP C 82 -3.17 -3.21 -16.73
N TYR C 83 -3.63 -4.27 -16.07
CA TYR C 83 -3.95 -4.23 -14.64
C TYR C 83 -2.80 -4.85 -13.88
N PHE C 84 -2.15 -4.05 -13.03
CA PHE C 84 -0.95 -4.46 -12.31
C PHE C 84 -1.28 -4.73 -10.85
N CYS C 85 -0.83 -5.88 -10.35
CA CYS C 85 -0.78 -6.09 -8.92
C CYS C 85 0.24 -5.15 -8.27
N GLN C 86 -0.12 -4.62 -7.11
CA GLN C 86 0.82 -3.93 -6.24
C GLN C 86 1.01 -4.79 -4.99
N GLY C 87 2.15 -5.45 -4.90
CA GLY C 87 2.46 -6.24 -3.73
C GLY C 87 3.17 -5.43 -2.67
N TRP C 88 3.94 -6.14 -1.84
CA TRP C 88 4.92 -5.59 -0.91
C TRP C 88 5.75 -6.76 -0.38
N ASP C 89 7.04 -6.52 -0.20
CA ASP C 89 7.94 -7.50 0.40
C ASP C 89 8.63 -6.79 1.56
N SER C 90 8.20 -7.10 2.78
CA SER C 90 8.76 -6.44 3.96
C SER C 90 10.15 -6.93 4.30
N ASN C 91 10.60 -8.03 3.70
CA ASN C 91 11.96 -8.51 3.94
C ASN C 91 13.00 -7.63 3.25
N VAL C 92 12.70 -7.17 2.04
CA VAL C 92 13.63 -6.34 1.28
C VAL C 92 13.16 -4.89 1.16
N LYS C 93 11.97 -4.57 1.66
CA LYS C 93 11.39 -3.21 1.65
C LYS C 93 11.26 -2.64 0.24
N ALA C 94 10.91 -3.51 -0.71
CA ALA C 94 10.71 -3.10 -2.10
C ALA C 94 9.36 -3.62 -2.57
N VAL C 95 8.56 -2.73 -3.15
CA VAL C 95 7.25 -3.09 -3.66
C VAL C 95 7.42 -3.89 -4.95
N LEU C 96 6.55 -4.88 -5.15
CA LEU C 96 6.61 -5.78 -6.30
C LEU C 96 5.41 -5.52 -7.19
N PHE C 97 5.60 -4.70 -8.21
CA PHE C 97 4.55 -4.52 -9.22
C PHE C 97 4.42 -5.77 -10.07
N GLY C 98 3.18 -6.12 -10.40
CA GLY C 98 2.93 -7.26 -11.27
C GLY C 98 3.28 -6.95 -12.72
N GLY C 99 3.38 -8.03 -13.51
CA GLY C 99 3.71 -7.88 -14.90
C GLY C 99 2.61 -7.25 -15.73
N GLY C 100 1.36 -7.36 -15.27
CA GLY C 100 0.25 -6.76 -15.96
C GLY C 100 -0.28 -7.62 -17.10
N THR C 101 -1.61 -7.67 -17.23
CA THR C 101 -2.25 -8.45 -18.27
C THR C 101 -2.99 -7.51 -19.22
N LYS C 102 -2.77 -7.68 -20.52
CA LYS C 102 -3.48 -6.91 -21.53
C LYS C 102 -4.88 -7.48 -21.64
N LEU C 103 -5.78 -6.96 -20.81
CA LEU C 103 -7.16 -7.43 -20.79
C LEU C 103 -7.87 -6.93 -22.04
N THR C 104 -7.86 -7.75 -23.08
CA THR C 104 -8.42 -7.39 -24.37
C THR C 104 -9.94 -7.45 -24.31
N VAL C 105 -10.59 -6.37 -24.72
CA VAL C 105 -12.04 -6.28 -24.73
C VAL C 105 -12.51 -6.38 -26.17
N LEU C 106 -13.26 -7.43 -26.48
CA LEU C 106 -13.72 -7.65 -27.85
C LEU C 106 -15.01 -6.88 -28.12
#